data_2B8O
#
_entry.id   2B8O
#
_cell.length_a   70.280
_cell.length_b   81.110
_cell.length_c   126.860
_cell.angle_alpha   90.00
_cell.angle_beta   90.00
_cell.angle_gamma   90.00
#
_symmetry.space_group_name_H-M   'P 21 21 21'
#
loop_
_entity.id
_entity.type
_entity.pdbx_description
1 polymer 'Coagulation factor VII light chain'
2 polymer 'Coagulation factor VII heavy chain'
3 polymer 'Tissue factor'
4 non-polymer alpha-D-glucopyranose
5 non-polymer alpha-L-fucopyranose
6 non-polymer 'CALCIUM ION'
7 non-polymer 'MAGNESIUM ION'
8 non-polymer L-alpha-glutamyl-N-{(1S)-4-{[amino(iminio)methyl]amino}-1-[(1S)-2-chloro-1-hydroxyethyl]butyl}glycinamide
9 non-polymer 'SODIUM ION'
10 non-polymer 'ZINC ION'
11 non-polymer 'CHLORIDE ION'
12 water water
#
loop_
_entity_poly.entity_id
_entity_poly.type
_entity_poly.pdbx_seq_one_letter_code
_entity_poly.pdbx_strand_id
1 'polypeptide(L)'
;ANAFL(CGU)(CGU)LRPGSL(CGU)R(CGU)CK(CGU)(CGU)QCSF(CGU)(CGU)AR(CGU)IFKDA(CGU)RTKLF
WISYSDGDQCASSPCQNGGSCKDQLQSYICFCLPAFEGRNCETHKDDQLICVNENGGCEQYCSDHTGTKRSCRCHEGYSL
LADGVSCTPTVEYPCGKIPILE
;
L
2 'polypeptide(L)'
;IVGGKVCPKGECPWQVLLLVNGAQLCGGTLINTIWVVSAAHCFDKIKNWRNLIAVLGEHDLSEHDGDEQSRRVAQVIIPS
TYVPGTTNHDIALLRLHQPVVLTDHVVPLCLPERTFSERTLAFVRFSLVSGWGQLLDRGATALELMVLNVPRLMTQDCLQ
QSRKVGDSPNITEYMFCAGYSDGSKDSCKGDSGGPHATHYRGTWYLTGIVSWGQGCATVGHFGVYTRVSQYIEWLQKLMR
SEPRPGVLLRAPFP
;
H
3 'polypeptide(L)'
;TVAAYNLTWKSTNFKTILEWEPKPVNQVYTVQISTKSGDWKSKCFYTTDTECDLTDEIVKDVKQTYLARVFSYPAGNVES
TGSAGEPLYENSPEFTPYLETNLGQPTIQSFEQVGTKVNVTVEDERTLVRRNNTFLSLRDVFGKDLIYTLYYWKSSSSGK
KTAKTNTNEFLIDVDKGENYCFSVQAVIPSRTVNRKSTDSPVECM
;
T
#
# COMPACT_ATOMS: atom_id res chain seq x y z
N ALA A 1 8.49 49.21 -30.19
CA ALA A 1 9.84 48.99 -30.77
C ALA A 1 9.96 49.43 -32.27
N ASN A 2 10.94 50.30 -32.50
CA ASN A 2 11.29 50.95 -33.79
C ASN A 2 11.47 50.19 -35.11
N ALA A 3 10.65 50.57 -36.09
CA ALA A 3 10.64 50.04 -37.45
C ALA A 3 10.06 51.09 -38.45
N PHE A 4 10.76 52.22 -38.53
CA PHE A 4 10.51 53.39 -39.39
C PHE A 4 9.13 53.78 -39.92
N LEU A 5 8.82 53.36 -41.16
CA LEU A 5 7.55 53.65 -41.84
C LEU A 5 6.39 52.77 -41.40
N LEU A 8 3.69 54.44 -38.15
CA LEU A 8 2.82 55.57 -38.47
C LEU A 8 1.38 55.35 -38.04
N ARG A 9 0.97 54.09 -38.10
CA ARG A 9 -0.38 53.67 -37.72
C ARG A 9 -0.40 53.34 -36.24
N PRO A 10 -1.39 53.89 -35.51
CA PRO A 10 -1.55 53.70 -34.07
C PRO A 10 -1.73 52.26 -33.58
N GLY A 11 -1.52 52.13 -32.27
CA GLY A 11 -1.60 50.86 -31.56
C GLY A 11 -2.61 49.79 -31.89
N SER A 12 -2.11 48.65 -32.35
CA SER A 12 -2.88 47.45 -32.64
C SER A 12 -1.99 46.26 -32.29
N LEU A 13 -2.38 45.46 -31.29
CA LEU A 13 -1.60 44.30 -30.88
C LEU A 13 -1.59 43.08 -31.84
N ARG A 15 -0.98 43.29 -34.67
CA ARG A 15 0.15 43.70 -35.46
C ARG A 15 1.34 43.63 -34.52
N CYS A 17 1.84 42.71 -31.31
CA CYS A 17 2.14 41.59 -30.42
C CYS A 17 1.98 40.30 -31.17
N LYS A 18 0.76 40.08 -31.63
CA LYS A 18 0.36 38.87 -32.32
C LYS A 18 0.95 38.57 -33.71
N GLN A 21 7.03 40.70 -31.90
CA GLN A 21 7.27 40.63 -30.45
C GLN A 21 7.01 41.85 -29.59
N CYS A 22 5.85 41.83 -28.95
CA CYS A 22 5.37 42.89 -28.04
C CYS A 22 6.27 43.15 -26.82
N SER A 23 6.84 44.35 -26.68
CA SER A 23 7.69 44.71 -25.51
C SER A 23 6.77 44.91 -24.28
N PHE A 24 7.32 45.13 -23.08
CA PHE A 24 6.43 45.31 -21.94
C PHE A 24 5.57 46.56 -21.99
N ALA A 27 2.80 46.75 -24.49
CA ALA A 27 1.64 46.11 -23.91
C ALA A 27 0.91 46.96 -22.86
N ARG A 28 1.67 47.72 -22.07
CA ARG A 28 1.05 48.57 -21.05
C ARG A 28 0.29 49.66 -21.76
N ILE A 30 -1.12 49.70 -24.89
CA ILE A 30 -2.36 49.17 -25.41
C ILE A 30 -3.39 48.84 -24.34
N PHE A 31 -2.94 48.36 -23.18
CA PHE A 31 -3.87 47.98 -22.12
C PHE A 31 -4.12 49.05 -21.06
N LYS A 32 -3.32 50.11 -21.05
CA LYS A 32 -3.52 51.18 -20.07
C LYS A 32 -3.24 50.75 -18.64
N ASP A 33 -4.17 49.98 -18.05
CA ASP A 33 -4.05 49.49 -16.67
C ASP A 33 -3.04 48.34 -16.60
N ALA A 34 -2.04 48.48 -15.73
CA ALA A 34 -1.00 47.46 -15.61
C ALA A 34 -1.53 46.11 -15.17
N ARG A 36 -4.44 44.99 -16.37
CA ARG A 36 -4.99 44.44 -17.60
C ARG A 36 -3.78 43.93 -18.38
N THR A 37 -2.63 44.57 -18.16
CA THR A 37 -1.38 44.15 -18.79
C THR A 37 -0.89 42.87 -18.11
N LYS A 38 -1.12 42.77 -16.80
CA LYS A 38 -0.75 41.59 -16.05
C LYS A 38 -1.35 40.42 -16.79
N LEU A 39 -2.68 40.25 -16.68
CA LEU A 39 -3.37 39.11 -17.31
C LEU A 39 -2.72 38.65 -18.60
N PHE A 40 -2.33 39.63 -19.42
CA PHE A 40 -1.70 39.40 -20.71
C PHE A 40 -0.22 38.99 -20.68
N TRP A 41 0.57 39.81 -20.03
CA TRP A 41 1.99 39.59 -19.95
C TRP A 41 2.33 38.32 -19.22
N ILE A 42 1.54 38.01 -18.20
CA ILE A 42 1.76 36.82 -17.40
C ILE A 42 1.99 35.60 -18.30
N SER A 43 1.17 35.46 -19.33
CA SER A 43 1.31 34.32 -20.23
C SER A 43 2.00 34.62 -21.56
N TYR A 44 2.04 35.90 -21.94
CA TYR A 44 2.65 36.32 -23.19
C TYR A 44 4.16 36.15 -23.07
N SER A 45 4.70 36.39 -21.87
CA SER A 45 6.14 36.25 -21.63
C SER A 45 6.53 35.00 -20.84
N ASP A 46 5.72 33.95 -20.98
CA ASP A 46 5.95 32.70 -20.29
C ASP A 46 6.68 31.73 -21.20
N GLY A 47 6.16 31.53 -22.40
CA GLY A 47 6.81 30.61 -23.31
C GLY A 47 6.14 29.27 -23.38
N ASP A 48 6.29 28.62 -24.53
CA ASP A 48 5.72 27.31 -24.73
C ASP A 48 6.76 26.37 -24.20
N GLN A 49 6.53 25.88 -23.00
CA GLN A 49 7.46 24.99 -22.33
C GLN A 49 7.60 23.64 -23.02
N CYS A 50 6.60 23.30 -23.82
CA CYS A 50 6.59 22.06 -24.60
C CYS A 50 7.44 22.16 -25.87
N ALA A 51 8.21 23.24 -25.98
CA ALA A 51 9.04 23.48 -27.16
C ALA A 51 10.19 22.52 -27.35
N SER A 52 10.55 21.86 -26.24
CA SER A 52 11.62 20.87 -26.21
C SER A 52 11.09 19.47 -26.40
N SER A 53 9.77 19.35 -26.58
CA SER A 53 9.11 18.05 -26.78
C SER A 53 9.60 17.13 -25.69
N PRO A 54 9.25 17.43 -24.41
CA PRO A 54 9.68 16.61 -23.29
C PRO A 54 9.10 15.22 -23.27
N CYS A 55 7.84 15.05 -23.71
CA CYS A 55 7.26 13.72 -23.69
C CYS A 55 7.91 12.75 -24.62
N GLN A 56 8.13 11.54 -24.14
CA GLN A 56 8.76 10.53 -24.96
C GLN A 56 7.83 9.36 -25.11
N ASN A 57 8.16 8.48 -26.06
CA ASN A 57 7.35 7.29 -26.33
C ASN A 57 5.89 7.73 -26.59
N GLY A 58 5.74 8.46 -27.70
CA GLY A 58 4.44 8.95 -28.16
C GLY A 58 3.49 9.65 -27.20
N GLY A 59 4.01 10.59 -26.43
CA GLY A 59 3.19 11.30 -25.46
C GLY A 59 2.76 12.62 -26.03
N SER A 60 1.85 13.31 -25.33
CA SER A 60 1.33 14.59 -25.76
C SER A 60 1.47 15.62 -24.68
N CYS A 61 2.25 16.66 -25.01
CA CYS A 61 2.55 17.76 -24.12
C CYS A 61 1.46 18.82 -24.14
N LYS A 62 1.07 19.33 -22.97
CA LYS A 62 0.07 20.38 -22.85
C LYS A 62 0.77 21.44 -22.02
N ASP A 63 0.85 22.65 -22.54
CA ASP A 63 1.53 23.76 -21.88
C ASP A 63 0.80 24.31 -20.65
N GLN A 64 1.55 24.96 -19.77
CA GLN A 64 1.04 25.60 -18.54
C GLN A 64 2.01 26.75 -18.21
N LEU A 65 1.90 27.31 -17.00
CA LEU A 65 2.80 28.38 -16.57
C LEU A 65 4.08 27.84 -16.00
N GLN A 66 5.16 28.03 -16.77
CA GLN A 66 6.52 27.61 -16.43
C GLN A 66 6.69 26.10 -16.28
N SER A 67 5.77 25.36 -16.90
CA SER A 67 5.79 23.90 -16.86
C SER A 67 4.87 23.32 -17.91
N TYR A 68 4.86 21.98 -18.02
CA TYR A 68 4.06 21.23 -19.00
C TYR A 68 3.33 20.07 -18.35
N ILE A 69 2.55 19.32 -19.13
CA ILE A 69 1.83 18.19 -18.57
C ILE A 69 1.77 17.09 -19.62
N CYS A 70 2.64 16.09 -19.46
CA CYS A 70 2.73 14.99 -20.41
C CYS A 70 1.60 13.97 -20.33
N PHE A 71 1.05 13.62 -21.49
CA PHE A 71 -0.05 12.67 -21.56
C PHE A 71 0.53 11.40 -22.14
N CYS A 72 0.63 10.35 -21.31
CA CYS A 72 1.23 9.08 -21.72
C CYS A 72 0.38 8.01 -22.40
N LEU A 73 1.00 7.31 -23.35
CA LEU A 73 0.33 6.23 -24.05
C LEU A 73 0.23 5.15 -22.99
N PRO A 74 -0.72 4.24 -23.12
CA PRO A 74 -0.93 3.16 -22.15
C PRO A 74 0.26 2.46 -21.44
N ALA A 75 1.22 1.89 -22.18
CA ALA A 75 2.32 1.17 -21.52
C ALA A 75 3.49 1.99 -21.01
N PHE A 76 3.26 3.26 -20.76
CA PHE A 76 4.35 4.11 -20.31
C PHE A 76 3.79 4.96 -19.22
N GLU A 77 4.69 5.55 -18.46
CA GLU A 77 4.31 6.40 -17.34
C GLU A 77 5.49 7.27 -16.99
N GLY A 78 5.31 8.20 -16.05
CA GLY A 78 6.40 9.10 -15.74
C GLY A 78 6.10 10.56 -16.15
N ARG A 79 6.88 11.48 -15.59
CA ARG A 79 6.71 12.89 -15.90
C ARG A 79 6.77 13.14 -17.41
N ASN A 80 7.69 12.49 -18.14
CA ASN A 80 7.85 12.61 -19.61
C ASN A 80 7.59 11.27 -20.31
N CYS A 81 6.81 10.39 -19.70
CA CYS A 81 6.53 9.07 -20.32
C CYS A 81 7.77 8.15 -20.54
N GLU A 82 8.89 8.52 -19.93
CA GLU A 82 10.12 7.73 -20.08
C GLU A 82 10.08 6.28 -19.58
N THR A 83 9.19 5.99 -18.62
CA THR A 83 9.07 4.66 -18.05
C THR A 83 8.17 3.70 -18.82
N HIS A 84 8.77 2.59 -19.24
CA HIS A 84 8.05 1.55 -19.97
C HIS A 84 7.58 0.53 -18.94
N LYS A 85 6.28 0.32 -18.83
CA LYS A 85 5.71 -0.64 -17.88
C LYS A 85 6.12 -2.11 -18.14
N ASP A 86 6.39 -2.40 -19.40
CA ASP A 86 6.77 -3.72 -19.87
C ASP A 86 8.20 -4.17 -19.55
N ASP A 87 9.01 -3.24 -19.05
CA ASP A 87 10.39 -3.55 -18.66
C ASP A 87 10.44 -3.37 -17.14
N GLN A 88 9.34 -3.64 -16.47
CA GLN A 88 9.33 -3.51 -15.02
C GLN A 88 8.88 -4.82 -14.40
N LEU A 89 8.78 -5.90 -15.18
CA LEU A 89 8.33 -7.20 -14.66
C LEU A 89 9.36 -7.86 -13.72
N ILE A 90 9.50 -7.31 -12.51
CA ILE A 90 10.44 -7.81 -11.51
C ILE A 90 9.62 -8.23 -10.30
N CYS A 91 10.22 -8.97 -9.36
CA CYS A 91 9.50 -9.47 -8.18
C CYS A 91 9.21 -8.43 -7.11
N VAL A 92 9.89 -7.29 -7.18
CA VAL A 92 9.61 -6.24 -6.23
C VAL A 92 8.34 -5.55 -6.65
N ASN A 93 7.94 -5.80 -7.90
CA ASN A 93 6.71 -5.22 -8.42
C ASN A 93 5.55 -6.20 -8.48
N GLU A 94 4.72 -6.15 -7.44
CA GLU A 94 3.56 -7.04 -7.30
C GLU A 94 3.84 -8.53 -7.56
N ASN A 95 4.96 -9.01 -6.98
CA ASN A 95 5.34 -10.41 -7.10
C ASN A 95 5.43 -10.83 -8.58
N GLY A 96 5.99 -9.95 -9.40
CA GLY A 96 6.18 -10.20 -10.83
C GLY A 96 5.08 -10.95 -11.55
N GLY A 97 3.83 -10.81 -11.11
CA GLY A 97 2.73 -11.50 -11.76
C GLY A 97 2.45 -12.93 -11.31
N CYS A 98 3.43 -13.50 -10.58
CA CYS A 98 3.37 -14.85 -10.04
C CYS A 98 2.32 -14.97 -8.94
N GLU A 99 1.66 -16.13 -8.88
CA GLU A 99 0.62 -16.39 -7.88
C GLU A 99 1.27 -16.79 -6.57
N GLN A 100 2.31 -17.60 -6.66
CA GLN A 100 2.98 -18.04 -5.46
C GLN A 100 4.37 -17.50 -5.36
N TYR A 101 5.35 -18.24 -5.85
CA TYR A 101 6.74 -17.79 -5.71
C TYR A 101 7.28 -17.12 -6.94
N CYS A 102 8.18 -16.14 -6.75
CA CYS A 102 8.81 -15.37 -7.83
C CYS A 102 10.30 -15.33 -7.70
N SER A 103 10.95 -15.63 -8.80
CA SER A 103 12.40 -15.56 -8.83
C SER A 103 12.88 -14.77 -10.05
N ASP A 104 13.72 -13.77 -9.77
CA ASP A 104 14.28 -12.89 -10.80
C ASP A 104 15.28 -13.63 -11.64
N HIS A 105 15.58 -13.05 -12.78
CA HIS A 105 16.58 -13.58 -13.67
C HIS A 105 17.06 -12.42 -14.49
N THR A 106 17.00 -11.25 -13.83
CA THR A 106 17.41 -9.95 -14.35
C THR A 106 18.46 -10.15 -15.44
N GLY A 107 17.98 -10.07 -16.67
CA GLY A 107 18.80 -10.28 -17.84
C GLY A 107 18.05 -11.24 -18.74
N THR A 108 16.92 -11.69 -18.21
CA THR A 108 16.00 -12.63 -18.85
C THR A 108 14.75 -12.46 -18.00
N LYS A 109 13.65 -13.11 -18.38
CA LYS A 109 12.42 -12.93 -17.60
C LYS A 109 12.34 -13.71 -16.27
N ARG A 110 11.74 -13.07 -15.27
CA ARG A 110 11.51 -13.68 -13.96
C ARG A 110 10.74 -15.00 -14.16
N SER A 111 10.83 -15.92 -13.20
CA SER A 111 10.13 -17.22 -13.28
C SER A 111 9.20 -17.40 -12.11
N CYS A 112 8.07 -18.07 -12.32
CA CYS A 112 7.14 -18.31 -11.23
C CYS A 112 7.12 -19.75 -10.74
N ARG A 113 7.21 -19.92 -9.43
CA ARG A 113 7.20 -21.24 -8.81
C ARG A 113 6.01 -21.45 -7.89
N CYS A 114 5.88 -22.67 -7.38
CA CYS A 114 4.80 -23.01 -6.44
C CYS A 114 5.28 -23.62 -5.14
N HIS A 115 4.33 -23.74 -4.23
CA HIS A 115 4.58 -24.32 -2.92
C HIS A 115 4.34 -25.82 -3.00
N GLU A 116 4.94 -26.55 -2.06
CA GLU A 116 4.79 -28.00 -1.97
C GLU A 116 3.28 -28.19 -1.86
N GLY A 117 2.73 -28.92 -2.83
CA GLY A 117 1.30 -29.17 -2.86
C GLY A 117 0.64 -28.68 -4.13
N TYR A 118 1.35 -27.80 -4.82
CA TYR A 118 0.80 -27.23 -6.05
C TYR A 118 1.75 -27.42 -7.21
N SER A 119 1.27 -27.07 -8.41
CA SER A 119 2.03 -27.14 -9.65
C SER A 119 1.73 -25.91 -10.50
N LEU A 120 2.67 -25.57 -11.38
CA LEU A 120 2.52 -24.42 -12.30
C LEU A 120 1.54 -24.81 -13.40
N LEU A 121 0.62 -23.89 -13.71
CA LEU A 121 -0.37 -24.12 -14.76
C LEU A 121 0.23 -23.93 -16.16
N ALA A 122 -0.67 -23.83 -17.15
CA ALA A 122 -0.27 -23.63 -18.52
C ALA A 122 0.41 -22.26 -18.68
N ASP A 123 -0.13 -21.24 -18.02
CA ASP A 123 0.42 -19.90 -18.16
C ASP A 123 1.83 -19.58 -17.62
N GLY A 124 2.34 -20.36 -16.67
CA GLY A 124 3.65 -20.08 -16.10
C GLY A 124 3.59 -19.06 -14.95
N VAL A 125 2.39 -18.73 -14.50
CA VAL A 125 2.25 -17.78 -13.41
C VAL A 125 1.26 -18.22 -12.36
N SER A 126 0.40 -19.16 -12.70
CA SER A 126 -0.60 -19.63 -11.74
C SER A 126 -0.38 -21.08 -11.29
N CYS A 127 -0.70 -21.38 -10.02
CA CYS A 127 -0.52 -22.70 -9.39
C CYS A 127 -1.77 -23.53 -9.12
N THR A 128 -1.71 -24.84 -9.33
CA THR A 128 -2.86 -25.71 -9.08
C THR A 128 -2.38 -26.92 -8.25
N PRO A 129 -3.21 -27.39 -7.30
CA PRO A 129 -3.01 -28.51 -6.37
C PRO A 129 -2.75 -29.89 -6.95
N THR A 130 -1.87 -30.64 -6.28
CA THR A 130 -1.55 -32.03 -6.63
C THR A 130 -2.11 -32.97 -5.55
N VAL A 131 -1.91 -32.60 -4.28
CA VAL A 131 -2.41 -33.43 -3.17
C VAL A 131 -3.86 -33.11 -2.89
N GLU A 132 -4.50 -33.90 -2.01
CA GLU A 132 -5.92 -33.67 -1.73
C GLU A 132 -6.18 -32.48 -0.84
N TYR A 133 -5.48 -32.43 0.30
CA TYR A 133 -5.65 -31.31 1.25
C TYR A 133 -4.41 -30.41 1.30
N PRO A 134 -4.31 -29.44 0.36
CA PRO A 134 -3.19 -28.51 0.29
C PRO A 134 -3.14 -27.49 1.42
N CYS A 135 -1.95 -26.93 1.63
CA CYS A 135 -1.79 -25.96 2.67
C CYS A 135 -2.44 -24.63 2.25
N GLY A 136 -2.84 -23.83 3.24
CA GLY A 136 -3.42 -22.53 2.97
C GLY A 136 -4.79 -22.48 2.32
N LYS A 137 -5.51 -23.61 2.20
CA LYS A 137 -6.84 -23.66 1.56
C LYS A 137 -8.00 -24.24 2.44
N ILE A 138 -9.01 -23.42 2.75
CA ILE A 138 -10.18 -23.83 3.57
C ILE A 138 -11.25 -24.66 2.79
N PRO A 139 -11.26 -25.99 2.96
CA PRO A 139 -12.20 -26.86 2.26
C PRO A 139 -13.68 -26.73 2.46
N ILE A 140 -14.10 -26.41 3.66
CA ILE A 140 -15.53 -26.34 3.87
C ILE A 140 -16.19 -25.13 3.24
N LEU A 141 -15.37 -24.17 2.81
CA LEU A 141 -15.90 -22.98 2.15
C LEU A 141 -16.34 -23.32 0.74
N GLU A 142 -15.46 -24.00 0.00
CA GLU A 142 -15.74 -24.39 -1.39
C GLU A 142 -16.81 -25.48 -1.62
N ILE B 1 -8.77 -13.42 22.51
CA ILE B 1 -8.84 -12.34 21.51
C ILE B 1 -9.82 -11.30 22.02
N VAL B 2 -9.46 -10.03 21.91
CA VAL B 2 -10.30 -8.89 22.30
C VAL B 2 -11.00 -8.23 21.07
N GLY B 3 -12.31 -8.10 21.10
CA GLY B 3 -12.99 -7.46 19.99
C GLY B 3 -13.13 -8.20 18.65
N GLY B 4 -12.95 -9.51 18.68
CA GLY B 4 -13.06 -10.26 17.46
C GLY B 4 -14.42 -10.86 17.25
N LYS B 5 -14.44 -11.96 16.50
CA LYS B 5 -15.67 -12.67 16.22
C LYS B 5 -15.39 -14.16 16.04
N VAL B 6 -16.39 -14.95 16.35
CA VAL B 6 -16.30 -16.37 16.27
C VAL B 6 -16.01 -16.90 14.88
N CYS B 7 -14.90 -17.63 14.73
CA CYS B 7 -14.52 -18.24 13.45
C CYS B 7 -15.44 -19.45 13.23
N PRO B 8 -16.29 -19.40 12.18
CA PRO B 8 -17.23 -20.50 11.88
C PRO B 8 -16.50 -21.86 11.73
N LYS B 9 -17.14 -22.93 12.21
CA LYS B 9 -16.55 -24.25 12.19
C LYS B 9 -16.03 -24.73 10.85
N GLY B 10 -14.70 -24.72 10.76
CA GLY B 10 -14.01 -25.20 9.57
C GLY B 10 -13.15 -24.17 8.88
N GLU B 11 -13.24 -22.92 9.33
CA GLU B 11 -12.54 -21.79 8.71
C GLU B 11 -11.16 -21.33 9.20
N CYS B 12 -10.70 -21.87 10.32
CA CYS B 12 -9.37 -21.53 10.84
C CYS B 12 -8.83 -22.92 11.22
N PRO B 13 -8.73 -23.84 10.22
CA PRO B 13 -8.29 -25.23 10.28
C PRO B 13 -6.84 -25.63 10.54
N TRP B 14 -6.00 -24.66 10.88
CA TRP B 14 -4.60 -24.92 11.16
C TRP B 14 -4.44 -24.44 12.57
N GLN B 15 -5.56 -24.36 13.29
CA GLN B 15 -5.54 -23.92 14.65
C GLN B 15 -5.39 -25.12 15.56
N VAL B 16 -4.24 -25.16 16.22
CA VAL B 16 -3.86 -26.22 17.16
C VAL B 16 -4.05 -25.72 18.57
N LEU B 17 -4.73 -26.50 19.41
CA LEU B 17 -4.95 -26.17 20.82
C LEU B 17 -3.88 -26.95 21.61
N LEU B 18 -3.00 -26.25 22.32
CA LEU B 18 -1.98 -26.95 23.10
C LEU B 18 -2.41 -27.10 24.56
N LEU B 19 -2.32 -28.35 25.01
CA LEU B 19 -2.67 -28.74 26.37
C LEU B 19 -1.47 -29.36 27.09
N VAL B 20 -1.42 -29.12 28.38
CA VAL B 20 -0.42 -29.73 29.24
C VAL B 20 -1.23 -30.22 30.45
N ASN B 21 -1.35 -31.53 30.53
CA ASN B 21 -2.11 -32.18 31.61
C ASN B 21 -3.57 -31.83 31.57
N GLY B 22 -4.16 -31.96 30.38
CA GLY B 22 -5.59 -31.68 30.20
C GLY B 22 -6.05 -30.24 30.37
N ALA B 23 -5.12 -29.36 30.72
CA ALA B 23 -5.41 -27.94 30.90
C ALA B 23 -4.97 -27.10 29.70
N GLN B 24 -5.79 -26.08 29.42
CA GLN B 24 -5.61 -25.08 28.35
C GLN B 24 -4.28 -24.37 28.51
N LEU B 25 -3.37 -24.55 27.55
CA LEU B 25 -2.05 -23.93 27.66
C LEU B 25 -1.83 -22.76 26.73
N CYS B 26 -1.59 -23.04 25.45
CA CYS B 26 -1.34 -22.02 24.42
C CYS B 26 -2.10 -22.41 23.17
N GLY B 27 -1.61 -21.92 22.04
CA GLY B 27 -2.20 -22.21 20.77
C GLY B 27 -1.04 -22.49 19.83
N GLY B 28 -1.32 -22.70 18.56
CA GLY B 28 -0.26 -22.99 17.62
C GLY B 28 -0.79 -23.21 16.22
N THR B 29 0.14 -23.41 15.28
CA THR B 29 -0.22 -23.58 13.88
C THR B 29 0.32 -24.85 13.21
N LEU B 30 -0.58 -25.67 12.67
CA LEU B 30 -0.21 -26.88 11.95
C LEU B 30 0.49 -26.46 10.66
N ILE B 31 1.76 -26.79 10.46
CA ILE B 31 2.39 -26.40 9.21
C ILE B 31 2.72 -27.61 8.31
N ASN B 32 2.03 -28.72 8.58
CA ASN B 32 2.12 -30.00 7.84
C ASN B 32 1.43 -31.10 8.68
N THR B 33 1.78 -32.38 8.55
CA THR B 33 1.05 -33.36 9.37
C THR B 33 1.67 -33.74 10.71
N ILE B 34 2.98 -33.57 10.81
CA ILE B 34 3.68 -33.94 12.03
C ILE B 34 4.08 -32.73 12.82
N TRP B 35 4.42 -31.68 12.10
CA TRP B 35 4.95 -30.47 12.69
C TRP B 35 3.96 -29.34 12.94
N VAL B 36 4.13 -28.67 14.08
CA VAL B 36 3.31 -27.56 14.51
C VAL B 36 4.22 -26.39 15.00
N VAL B 37 3.82 -25.15 14.74
CA VAL B 37 4.61 -23.99 15.16
C VAL B 37 3.85 -23.29 16.29
N SER B 38 4.56 -22.69 17.23
CA SER B 38 3.92 -22.05 18.35
C SER B 38 4.94 -21.17 19.07
N ALA B 39 4.65 -20.74 20.31
CA ALA B 39 5.57 -19.85 21.01
C ALA B 39 6.39 -20.32 22.20
N ALA B 40 7.68 -20.03 22.08
CA ALA B 40 8.63 -20.40 23.10
C ALA B 40 8.23 -20.03 24.50
N HIS B 41 7.61 -18.86 24.71
CA HIS B 41 7.24 -18.45 26.08
C HIS B 41 6.07 -19.23 26.70
N CYS B 42 5.49 -20.17 25.97
CA CYS B 42 4.41 -20.98 26.52
C CYS B 42 4.96 -22.13 27.37
N PHE B 43 6.21 -22.49 27.13
CA PHE B 43 6.84 -23.61 27.80
C PHE B 43 7.79 -23.25 28.96
N ASP B 44 7.78 -21.99 29.35
CA ASP B 44 8.61 -21.51 30.46
C ASP B 44 8.34 -22.24 31.76
N LYS B 45 7.07 -22.56 32.00
CA LYS B 45 6.67 -23.22 33.26
C LYS B 45 6.23 -24.70 33.17
N ILE B 46 6.77 -25.43 32.21
CA ILE B 46 6.41 -26.82 32.08
C ILE B 46 7.35 -27.67 32.91
N LYS B 47 6.80 -28.72 33.53
CA LYS B 47 7.59 -29.66 34.33
C LYS B 47 7.39 -31.09 33.74
N ASN B 48 6.17 -31.35 33.30
CA ASN B 48 5.80 -32.65 32.76
C ASN B 48 5.84 -32.70 31.22
N TRP B 49 7.05 -32.70 30.68
CA TRP B 49 7.25 -32.75 29.23
C TRP B 49 6.70 -33.94 28.45
N ARG B 50 6.13 -34.92 29.12
CA ARG B 50 5.60 -36.06 28.39
C ARG B 50 4.10 -36.06 28.49
N ASN B 51 3.56 -34.99 29.10
CA ASN B 51 2.13 -34.79 29.27
C ASN B 51 1.59 -33.62 28.43
N LEU B 52 2.15 -33.45 27.24
CA LEU B 52 1.78 -32.40 26.31
C LEU B 52 0.97 -32.93 25.14
N ILE B 53 -0.32 -32.60 25.14
CA ILE B 53 -1.23 -33.00 24.06
C ILE B 53 -1.43 -31.81 23.10
N ALA B 54 -1.71 -32.09 21.82
CA ALA B 54 -1.99 -30.99 20.89
C ALA B 54 -3.29 -31.40 20.19
N VAL B 55 -4.31 -30.53 20.15
CA VAL B 55 -5.56 -30.94 19.45
C VAL B 55 -5.80 -30.16 18.15
N LEU B 56 -6.22 -30.90 17.13
CA LEU B 56 -6.50 -30.35 15.82
C LEU B 56 -7.96 -30.63 15.48
N GLY B 57 -8.77 -29.60 15.31
CA GLY B 57 -10.17 -29.86 14.96
C GLY B 57 -11.10 -29.21 15.95
N GLU B 58 -10.48 -28.60 16.94
CA GLU B 58 -11.23 -27.98 18.00
C GLU B 58 -11.86 -26.70 17.52
N HIS B 59 -13.12 -26.52 17.89
CA HIS B 59 -13.86 -25.32 17.59
C HIS B 59 -14.33 -25.00 18.97
N ASP B 60 -15.35 -25.72 19.42
CA ASP B 60 -15.94 -25.53 20.74
C ASP B 60 -15.26 -26.34 21.84
N LEU B 61 -14.76 -25.63 22.86
CA LEU B 61 -14.08 -26.28 24.00
C LEU B 61 -15.04 -27.14 24.82
N SER B 62 -16.17 -26.54 25.20
CA SER B 62 -17.19 -27.22 25.98
C SER B 62 -17.97 -28.36 25.27
N GLU B 63 -17.44 -28.96 24.22
CA GLU B 63 -18.22 -29.99 23.60
C GLU B 63 -17.32 -30.81 22.71
N HIS B 64 -17.75 -32.03 22.39
CA HIS B 64 -16.96 -32.94 21.58
C HIS B 64 -17.66 -33.46 20.32
N ASP B 65 -17.00 -33.28 19.18
CA ASP B 65 -17.51 -33.76 17.91
C ASP B 65 -16.41 -34.55 17.19
N GLY B 66 -16.76 -35.34 16.19
CA GLY B 66 -15.77 -36.15 15.53
C GLY B 66 -14.73 -35.47 14.65
N ASP B 67 -14.53 -34.17 14.84
CA ASP B 67 -13.57 -33.47 13.98
C ASP B 67 -12.32 -33.16 14.76
N GLU B 68 -12.32 -33.63 16.01
CA GLU B 68 -11.19 -33.43 16.92
C GLU B 68 -10.15 -34.56 16.82
N GLN B 69 -8.89 -34.17 16.92
CA GLN B 69 -7.79 -35.11 16.84
C GLN B 69 -6.71 -34.79 17.88
N SER B 70 -6.71 -35.55 19.01
CA SER B 70 -5.68 -35.38 20.05
C SER B 70 -4.45 -36.16 19.59
N ARG B 71 -3.30 -35.53 19.60
CA ARG B 71 -2.07 -36.22 19.23
C ARG B 71 -1.09 -35.73 20.26
N ARG B 72 -0.09 -36.54 20.60
CA ARG B 72 0.85 -36.07 21.61
C ARG B 72 2.15 -35.56 21.07
N VAL B 73 2.67 -34.56 21.76
CA VAL B 73 3.92 -33.90 21.37
C VAL B 73 5.20 -34.69 21.69
N ALA B 74 5.86 -35.15 20.63
CA ALA B 74 7.10 -35.86 20.78
C ALA B 74 8.20 -34.85 21.12
N GLN B 75 8.43 -33.86 20.25
CA GLN B 75 9.51 -32.89 20.50
C GLN B 75 9.07 -31.44 20.56
N VAL B 76 9.90 -30.59 21.14
CA VAL B 76 9.61 -29.18 21.23
C VAL B 76 10.93 -28.42 21.04
N ILE B 77 11.26 -28.14 19.78
CA ILE B 77 12.49 -27.43 19.42
C ILE B 77 12.35 -25.90 19.55
N ILE B 78 13.22 -25.33 20.35
CA ILE B 78 13.21 -23.91 20.60
C ILE B 78 14.61 -23.41 20.30
N PRO B 79 14.74 -22.14 19.90
CA PRO B 79 16.11 -21.69 19.62
C PRO B 79 16.78 -21.32 20.93
N SER B 80 18.03 -21.74 21.08
CA SER B 80 18.84 -21.53 22.28
C SER B 80 19.17 -20.09 22.65
N THR B 81 18.70 -19.16 21.83
CA THR B 81 18.95 -17.75 22.08
C THR B 81 17.82 -17.15 22.92
N TYR B 82 16.75 -17.94 23.07
CA TYR B 82 15.62 -17.52 23.87
C TYR B 82 16.03 -17.49 25.31
N VAL B 83 15.48 -16.57 26.08
CA VAL B 83 15.81 -16.53 27.48
C VAL B 83 14.50 -16.49 28.21
N PRO B 84 14.09 -17.61 28.82
CA PRO B 84 12.82 -17.61 29.55
C PRO B 84 12.61 -16.39 30.44
N GLY B 85 11.38 -15.89 30.40
CA GLY B 85 11.04 -14.70 31.15
C GLY B 85 11.07 -13.53 30.19
N THR B 86 11.79 -13.66 29.07
CA THR B 86 11.85 -12.57 28.09
C THR B 86 10.95 -12.80 26.87
N THR B 87 11.01 -11.88 25.90
CA THR B 87 10.17 -11.94 24.70
C THR B 87 10.88 -12.36 23.44
N ASN B 88 12.10 -11.90 23.30
CA ASN B 88 12.85 -12.19 22.10
C ASN B 88 13.24 -13.66 21.82
N HIS B 89 12.96 -14.05 20.57
CA HIS B 89 13.19 -15.36 19.93
C HIS B 89 12.14 -16.34 20.30
N ASP B 90 10.95 -15.78 20.38
CA ASP B 90 9.74 -16.44 20.78
C ASP B 90 9.08 -17.48 19.85
N ILE B 91 9.85 -18.34 19.18
CA ILE B 91 9.27 -19.39 18.34
C ILE B 91 9.58 -20.75 18.95
N ALA B 92 8.77 -21.75 18.58
CA ALA B 92 8.94 -23.12 19.05
C ALA B 92 8.27 -24.05 18.03
N LEU B 93 9.03 -25.03 17.54
CA LEU B 93 8.53 -26.04 16.58
C LEU B 93 8.22 -27.29 17.39
N LEU B 94 7.15 -28.04 17.04
CA LEU B 94 6.81 -29.24 17.78
C LEU B 94 6.49 -30.46 16.93
N ARG B 95 7.23 -31.57 17.13
CA ARG B 95 7.02 -32.84 16.39
C ARG B 95 5.83 -33.55 17.01
N LEU B 96 4.97 -34.18 16.23
CA LEU B 96 3.82 -34.89 16.84
C LEU B 96 4.01 -36.41 16.67
N HIS B 97 4.09 -37.13 17.79
CA HIS B 97 4.27 -38.59 17.87
C HIS B 97 3.69 -39.31 16.66
N GLN B 98 2.40 -39.15 16.48
CA GLN B 98 1.70 -39.71 15.33
C GLN B 98 1.21 -38.51 14.56
N PRO B 99 1.09 -38.63 13.23
CA PRO B 99 0.62 -37.60 12.30
C PRO B 99 -0.90 -37.44 12.19
N VAL B 100 -1.35 -36.18 12.11
CA VAL B 100 -2.79 -35.87 12.02
C VAL B 100 -3.37 -36.31 10.71
N VAL B 101 -4.68 -36.46 10.64
CA VAL B 101 -5.25 -36.82 9.34
C VAL B 101 -5.93 -35.61 8.70
N LEU B 102 -5.53 -35.33 7.46
CA LEU B 102 -6.06 -34.20 6.71
C LEU B 102 -7.46 -34.44 6.23
N THR B 103 -8.37 -33.64 6.79
CA THR B 103 -9.79 -33.68 6.48
C THR B 103 -10.25 -32.23 6.38
N ASP B 104 -11.51 -32.04 6.05
CA ASP B 104 -12.09 -30.72 5.93
C ASP B 104 -11.80 -29.79 7.08
N HIS B 105 -11.77 -30.28 8.29
CA HIS B 105 -11.57 -29.33 9.35
C HIS B 105 -10.15 -29.25 9.86
N VAL B 106 -9.29 -30.07 9.27
CA VAL B 106 -7.89 -30.13 9.64
C VAL B 106 -7.08 -29.99 8.37
N VAL B 107 -6.53 -28.79 8.18
CA VAL B 107 -5.73 -28.48 6.99
C VAL B 107 -4.59 -27.59 7.44
N PRO B 108 -3.38 -27.78 6.86
CA PRO B 108 -2.18 -26.99 7.19
C PRO B 108 -2.18 -25.51 6.70
N LEU B 109 -1.14 -24.77 7.09
CA LEU B 109 -0.93 -23.36 6.71
C LEU B 109 0.46 -23.37 6.10
N CYS B 110 0.65 -22.69 4.97
CA CYS B 110 1.94 -22.67 4.30
C CYS B 110 3.03 -21.82 4.88
N LEU B 111 4.17 -22.46 5.11
CA LEU B 111 5.34 -21.78 5.63
C LEU B 111 5.96 -21.28 4.32
N PRO B 112 6.08 -19.96 4.18
CA PRO B 112 6.66 -19.36 2.96
C PRO B 112 8.18 -19.23 2.95
N GLU B 113 8.72 -18.77 1.83
CA GLU B 113 10.15 -18.54 1.75
C GLU B 113 10.43 -17.18 2.37
N ARG B 114 11.68 -17.00 2.80
CA ARG B 114 12.09 -15.73 3.42
C ARG B 114 11.70 -14.49 2.57
N THR B 115 12.26 -14.44 1.34
CA THR B 115 12.05 -13.35 0.37
C THR B 115 10.60 -13.04 0.01
N PHE B 116 9.89 -14.03 -0.51
CA PHE B 116 8.51 -13.82 -0.86
C PHE B 116 7.72 -13.29 0.34
N SER B 117 8.19 -13.58 1.54
CA SER B 117 7.48 -13.17 2.73
C SER B 117 8.02 -11.88 3.26
N GLU B 118 9.23 -11.53 2.83
CA GLU B 118 9.86 -10.28 3.27
C GLU B 118 9.50 -9.14 2.34
N ARG B 119 9.32 -9.47 1.05
CA ARG B 119 9.02 -8.47 0.04
C ARG B 119 7.59 -8.45 -0.43
N THR B 120 6.86 -9.56 -0.26
CA THR B 120 5.46 -9.61 -0.69
C THR B 120 4.39 -9.74 0.41
N LEU B 121 4.47 -10.75 1.28
CA LEU B 121 3.47 -10.89 2.35
C LEU B 121 3.67 -9.86 3.45
N ALA B 122 4.85 -9.27 3.50
CA ALA B 122 5.12 -8.25 4.50
C ALA B 122 4.30 -7.03 4.21
N PHE B 123 3.94 -6.81 2.94
CA PHE B 123 3.17 -5.59 2.54
C PHE B 123 1.68 -5.68 2.33
N VAL B 124 1.10 -6.83 2.70
CA VAL B 124 -0.33 -7.02 2.62
C VAL B 124 -0.84 -6.48 3.97
N ARG B 125 -1.68 -5.44 3.94
CA ARG B 125 -2.17 -4.79 5.16
C ARG B 125 -2.80 -5.66 6.26
N PHE B 126 -4.00 -6.17 6.02
CA PHE B 126 -4.69 -6.98 7.03
C PHE B 126 -4.34 -8.46 6.93
N SER B 127 -4.34 -9.12 8.11
CA SER B 127 -4.07 -10.56 8.27
C SER B 127 -4.89 -10.94 9.47
N LEU B 128 -5.23 -12.22 9.61
CA LEU B 128 -6.02 -12.72 10.74
C LEU B 128 -5.22 -13.29 11.94
N VAL B 129 -5.73 -13.18 13.16
CA VAL B 129 -5.07 -13.83 14.29
C VAL B 129 -6.16 -14.60 15.02
N SER B 130 -5.86 -15.86 15.31
CA SER B 130 -6.79 -16.82 15.97
C SER B 130 -6.46 -17.27 17.40
N GLY B 131 -7.44 -17.83 18.12
CA GLY B 131 -7.15 -18.27 19.48
C GLY B 131 -8.29 -18.31 20.46
N TRP B 132 -8.11 -19.05 21.57
CA TRP B 132 -9.14 -19.17 22.63
C TRP B 132 -8.80 -18.38 23.90
N GLY B 133 -7.87 -17.44 23.78
CA GLY B 133 -7.45 -16.64 24.92
C GLY B 133 -8.44 -15.63 25.50
N GLN B 134 -7.95 -14.87 26.46
CA GLN B 134 -8.73 -13.86 27.16
C GLN B 134 -9.48 -12.94 26.23
N LEU B 135 -10.79 -12.78 26.51
CA LEU B 135 -11.71 -11.93 25.73
C LEU B 135 -11.61 -10.52 26.19
N LEU B 136 -10.74 -10.29 27.17
CA LEU B 136 -10.55 -8.96 27.72
C LEU B 136 -9.29 -9.10 28.52
N ASP B 137 -8.75 -7.97 28.95
CA ASP B 137 -7.54 -7.96 29.73
C ASP B 137 -7.92 -8.40 31.13
N ARG B 138 -7.24 -9.41 31.64
CA ARG B 138 -7.57 -9.87 33.00
C ARG B 138 -8.96 -10.54 33.07
N GLY B 139 -9.44 -11.08 31.96
CA GLY B 139 -10.75 -11.70 31.95
C GLY B 139 -10.89 -13.16 31.54
N ALA B 140 -12.14 -13.56 31.32
CA ALA B 140 -12.49 -14.93 30.95
C ALA B 140 -12.02 -15.28 29.57
N THR B 141 -11.81 -16.57 29.35
CA THR B 141 -11.37 -17.03 28.07
C THR B 141 -12.58 -17.42 27.25
N ALA B 142 -12.29 -18.00 26.08
CA ALA B 142 -13.31 -18.35 25.11
C ALA B 142 -13.49 -19.81 24.84
N LEU B 143 -14.75 -20.22 24.90
CA LEU B 143 -15.17 -21.61 24.67
C LEU B 143 -15.38 -21.93 23.21
N GLU B 144 -15.16 -20.96 22.34
CA GLU B 144 -15.32 -21.13 20.89
C GLU B 144 -14.16 -20.35 20.30
N LEU B 145 -13.62 -20.83 19.18
CA LEU B 145 -12.51 -20.17 18.54
C LEU B 145 -12.90 -18.76 18.02
N MET B 146 -12.11 -17.76 18.41
CA MET B 146 -12.26 -16.33 18.09
C MET B 146 -11.18 -15.76 17.14
N VAL B 147 -11.60 -15.33 15.94
CA VAL B 147 -10.71 -14.77 14.91
C VAL B 147 -10.80 -13.24 14.78
N LEU B 148 -9.69 -12.58 14.39
CA LEU B 148 -9.63 -11.11 14.28
C LEU B 148 -8.86 -10.65 13.04
N ASN B 149 -9.13 -9.44 12.55
CA ASN B 149 -8.43 -8.87 11.39
C ASN B 149 -7.56 -7.73 11.86
N VAL B 150 -6.25 -7.82 11.70
CA VAL B 150 -5.39 -6.74 12.15
C VAL B 150 -4.41 -6.28 11.09
N PRO B 151 -4.23 -4.96 10.96
CA PRO B 151 -3.31 -4.37 9.98
C PRO B 151 -1.86 -4.46 10.43
N ARG B 152 -0.94 -4.81 9.54
CA ARG B 152 0.47 -4.86 9.91
C ARG B 152 1.08 -3.46 9.94
N LEU B 153 2.28 -3.29 10.49
CA LEU B 153 2.97 -1.97 10.56
C LEU B 153 4.47 -2.12 10.55
N MET B 154 5.17 -1.23 9.88
CA MET B 154 6.62 -1.33 9.94
C MET B 154 7.04 -0.88 11.37
N THR B 155 8.26 -1.19 11.80
CA THR B 155 8.62 -0.88 13.18
C THR B 155 8.74 0.60 13.60
N GLN B 156 9.18 1.43 12.66
CA GLN B 156 9.38 2.88 12.88
C GLN B 156 8.05 3.54 13.27
N ASP B 157 6.97 3.10 12.62
CA ASP B 157 5.66 3.66 12.93
C ASP B 157 5.19 3.14 14.26
N CYS B 158 5.45 1.85 14.48
CA CYS B 158 5.08 1.20 15.74
C CYS B 158 5.70 1.97 16.91
N LEU B 159 6.98 2.31 16.79
CA LEU B 159 7.65 3.03 17.85
C LEU B 159 7.09 4.44 17.98
N GLN B 160 6.73 5.03 16.86
CA GLN B 160 6.17 6.38 16.86
C GLN B 160 4.77 6.53 17.46
N GLN B 161 3.85 5.61 17.14
CA GLN B 161 2.48 5.67 17.65
C GLN B 161 2.32 5.03 19.04
N SER B 162 3.36 4.32 19.46
CA SER B 162 3.33 3.65 20.76
C SER B 162 3.63 4.61 21.88
N ARG B 163 2.69 4.71 22.81
CA ARG B 163 2.85 5.60 23.97
C ARG B 163 4.07 5.08 24.73
N LYS B 164 4.83 5.95 25.38
CA LYS B 164 6.03 5.46 26.08
C LYS B 164 5.89 4.82 27.43
N VAL B 165 6.56 3.67 27.56
CA VAL B 165 6.60 2.88 28.78
C VAL B 165 8.05 2.45 28.92
N GLY B 166 8.70 2.95 29.95
CA GLY B 166 10.12 2.69 30.17
C GLY B 166 10.61 1.34 30.66
N ASP B 167 9.70 0.40 30.83
CA ASP B 167 10.03 -0.96 31.30
C ASP B 167 9.97 -1.98 30.14
N SER B 168 9.27 -1.55 29.09
CA SER B 168 9.08 -2.37 27.90
C SER B 168 10.32 -2.83 27.19
N PRO B 169 10.20 -3.98 26.50
CA PRO B 169 11.26 -4.61 25.72
C PRO B 169 11.66 -3.70 24.56
N ASN B 170 12.20 -4.33 23.53
CA ASN B 170 12.58 -3.61 22.34
C ASN B 170 11.76 -4.33 21.29
N ILE B 171 11.62 -3.73 20.12
CA ILE B 171 10.95 -4.45 19.07
C ILE B 171 12.10 -4.75 18.13
N THR B 172 12.52 -6.00 18.15
CA THR B 172 13.65 -6.45 17.37
C THR B 172 13.26 -6.89 15.97
N GLU B 173 14.27 -7.19 15.17
CA GLU B 173 14.03 -7.63 13.82
C GLU B 173 13.52 -9.04 13.84
N TYR B 174 13.13 -9.49 15.02
CA TYR B 174 12.60 -10.83 15.16
C TYR B 174 11.13 -10.75 15.49
N MET B 175 10.61 -9.52 15.56
CA MET B 175 9.19 -9.29 15.88
C MET B 175 8.57 -8.25 14.94
N PHE B 176 7.26 -8.00 15.08
CA PHE B 176 6.54 -6.97 14.31
C PHE B 176 5.24 -6.59 14.96
N CYS B 177 4.76 -5.36 14.77
CA CYS B 177 3.50 -4.96 15.40
C CYS B 177 2.31 -5.11 14.47
N ALA B 178 1.12 -5.11 15.05
CA ALA B 178 -0.08 -5.26 14.26
C ALA B 178 -1.28 -5.01 15.12
N GLY B 179 -2.11 -4.05 14.69
CA GLY B 179 -3.32 -3.74 15.43
C GLY B 179 -3.73 -2.29 15.66
N TYR B 180 -4.83 -2.17 16.40
CA TYR B 180 -5.52 -0.94 16.73
C TYR B 180 -5.09 -0.31 18.06
N SER B 181 -4.28 0.74 18.02
CA SER B 181 -3.83 1.38 19.25
C SER B 181 -4.86 2.27 19.93
N ASP B 182 -6.08 2.22 19.43
CA ASP B 182 -7.15 3.01 20.01
C ASP B 182 -7.74 2.26 21.21
N GLY B 183 -7.42 0.97 21.30
CA GLY B 183 -7.93 0.15 22.38
C GLY B 183 -9.30 -0.35 21.97
N SER B 184 -9.31 -1.17 20.92
CA SER B 184 -10.57 -1.69 20.41
C SER B 184 -10.51 -3.17 20.08
N LYS B 185 -9.34 -3.62 19.66
CA LYS B 185 -9.15 -4.99 19.26
C LYS B 185 -7.69 -5.32 19.57
N ASP B 186 -7.37 -6.60 19.76
CA ASP B 186 -5.99 -7.03 20.08
C ASP B 186 -6.03 -8.51 20.39
N SER B 187 -4.90 -9.20 20.26
CA SER B 187 -4.85 -10.62 20.63
C SER B 187 -4.57 -10.49 22.15
N CYS B 188 -4.61 -11.59 22.89
CA CYS B 188 -4.45 -11.48 24.34
C CYS B 188 -3.72 -12.70 24.91
N LYS B 189 -3.66 -12.83 26.25
CA LYS B 189 -3.00 -13.99 26.83
C LYS B 189 -3.90 -15.22 26.61
N GLY B 190 -3.29 -16.36 26.34
CA GLY B 190 -4.06 -17.55 26.09
C GLY B 190 -4.18 -17.71 24.60
N ASP B 191 -3.57 -16.78 23.86
CA ASP B 191 -3.60 -16.82 22.40
C ASP B 191 -2.35 -17.32 21.77
N SER B 192 -1.24 -16.98 22.43
CA SER B 192 0.13 -17.29 22.01
C SER B 192 0.40 -18.40 21.06
N GLY B 193 1.45 -18.26 20.28
CA GLY B 193 1.79 -19.27 19.30
C GLY B 193 0.73 -19.52 18.30
N GLY B 194 -0.34 -18.73 18.38
CA GLY B 194 -1.47 -18.80 17.46
C GLY B 194 -1.06 -18.26 16.10
N PRO B 195 -1.75 -18.65 15.02
CA PRO B 195 -1.48 -18.23 13.64
C PRO B 195 -1.92 -16.82 13.26
N HIS B 196 -0.96 -16.01 12.77
CA HIS B 196 -1.19 -14.67 12.21
C HIS B 196 -1.06 -14.94 10.71
N ALA B 197 -2.10 -15.51 10.11
CA ALA B 197 -2.10 -15.89 8.70
C ALA B 197 -2.47 -14.78 7.71
N THR B 198 -1.69 -14.73 6.65
CA THR B 198 -1.83 -13.71 5.62
C THR B 198 -2.38 -14.30 4.33
N HIS B 199 -3.42 -13.68 3.75
CA HIS B 199 -4.01 -14.18 2.53
C HIS B 199 -3.30 -13.56 1.34
N TYR B 200 -3.13 -14.31 0.26
CA TYR B 200 -2.48 -13.74 -0.90
C TYR B 200 -2.81 -14.64 -2.03
N ARG B 201 -3.27 -14.04 -3.13
CA ARG B 201 -3.65 -14.78 -4.33
C ARG B 201 -4.27 -16.20 -4.14
N GLY B 202 -5.23 -16.29 -3.20
CA GLY B 202 -5.95 -17.55 -2.94
C GLY B 202 -5.37 -18.62 -2.01
N THR B 203 -4.24 -18.31 -1.39
CA THR B 203 -3.55 -19.22 -0.50
C THR B 203 -3.17 -18.47 0.74
N TRP B 204 -3.33 -19.10 1.90
CA TRP B 204 -2.97 -18.52 3.20
C TRP B 204 -1.58 -19.02 3.67
N TYR B 205 -0.75 -18.08 4.14
CA TYR B 205 0.62 -18.36 4.55
C TYR B 205 0.78 -17.98 6.00
N LEU B 206 1.96 -18.29 6.53
CA LEU B 206 2.26 -17.99 7.92
C LEU B 206 3.32 -16.90 7.98
N THR B 207 2.97 -15.82 8.64
CA THR B 207 3.87 -14.69 8.76
C THR B 207 4.14 -14.28 10.19
N GLY B 208 3.28 -14.69 11.14
CA GLY B 208 3.50 -14.35 12.55
C GLY B 208 2.91 -15.27 13.60
N ILE B 209 3.42 -15.13 14.83
CA ILE B 209 3.00 -15.95 16.01
C ILE B 209 2.70 -15.02 17.16
N VAL B 210 1.55 -15.16 17.81
CA VAL B 210 1.28 -14.23 18.89
C VAL B 210 2.30 -14.23 20.03
N SER B 211 3.36 -13.45 19.87
CA SER B 211 4.44 -13.32 20.85
C SER B 211 4.04 -12.55 22.13
N TRP B 212 4.27 -11.24 22.19
CA TRP B 212 3.96 -10.48 23.41
C TRP B 212 3.00 -9.29 23.27
N GLY B 213 3.27 -8.20 23.99
CA GLY B 213 2.43 -7.05 23.89
C GLY B 213 1.94 -6.64 25.24
N GLN B 214 2.02 -5.34 25.51
CA GLN B 214 1.59 -4.75 26.77
C GLN B 214 0.07 -4.67 26.88
N GLY B 215 -0.48 -5.37 27.85
CA GLY B 215 -1.90 -5.35 28.04
C GLY B 215 -2.60 -6.02 26.89
N CYS B 216 -3.88 -5.70 26.76
CA CYS B 216 -4.73 -6.27 25.72
C CYS B 216 -5.67 -5.16 25.32
N ALA B 217 -5.56 -4.75 24.05
CA ALA B 217 -6.37 -3.69 23.52
C ALA B 217 -6.05 -2.45 24.35
N THR B 218 -4.76 -2.18 24.51
CA THR B 218 -4.34 -1.04 25.31
C THR B 218 -4.14 0.15 24.43
N VAL B 219 -4.76 1.24 24.85
CA VAL B 219 -4.69 2.50 24.15
C VAL B 219 -3.23 2.98 24.15
N GLY B 220 -2.67 3.13 22.94
CA GLY B 220 -1.31 3.63 22.77
C GLY B 220 -0.32 2.55 22.42
N HIS B 221 -0.83 1.33 22.34
CA HIS B 221 -0.03 0.15 22.12
C HIS B 221 -0.59 -0.88 21.14
N PHE B 222 0.34 -1.54 20.44
CA PHE B 222 -0.05 -2.58 19.48
C PHE B 222 0.42 -3.93 19.97
N GLY B 223 -0.12 -4.97 19.33
CA GLY B 223 0.25 -6.33 19.65
C GLY B 223 1.54 -6.69 18.94
N VAL B 224 2.55 -7.16 19.66
CA VAL B 224 3.82 -7.50 19.00
C VAL B 224 3.82 -8.97 18.58
N TYR B 225 4.34 -9.28 17.40
CA TYR B 225 4.32 -10.65 16.91
C TYR B 225 5.71 -11.12 16.50
N THR B 226 5.83 -12.38 16.10
CA THR B 226 7.14 -12.88 15.70
C THR B 226 7.28 -13.02 14.19
N ARG B 227 8.43 -12.58 13.69
CA ARG B 227 8.71 -12.64 12.29
C ARG B 227 9.10 -14.04 11.89
N VAL B 228 8.08 -14.83 11.58
CA VAL B 228 8.33 -16.16 11.13
C VAL B 228 9.20 -16.15 9.87
N SER B 229 9.41 -15.00 9.25
CA SER B 229 10.25 -14.97 8.04
C SER B 229 11.74 -15.02 8.31
N GLN B 230 12.11 -14.93 9.58
CA GLN B 230 13.53 -14.96 9.96
C GLN B 230 13.96 -16.34 10.47
N TYR B 231 13.00 -17.23 10.53
CA TYR B 231 13.21 -18.54 11.08
C TYR B 231 12.88 -19.61 10.08
N ILE B 232 12.79 -19.25 8.81
CA ILE B 232 12.43 -20.21 7.76
C ILE B 232 13.43 -21.30 7.51
N GLU B 233 14.71 -20.91 7.36
CA GLU B 233 15.79 -21.87 7.07
C GLU B 233 15.92 -22.85 8.22
N TRP B 234 15.83 -22.29 9.45
CA TRP B 234 15.91 -23.05 10.70
C TRP B 234 14.78 -24.06 10.71
N LEU B 235 13.55 -23.59 10.90
CA LEU B 235 12.36 -24.44 10.89
C LEU B 235 12.41 -25.50 9.81
N GLN B 236 13.05 -25.21 8.68
CA GLN B 236 13.16 -26.15 7.55
C GLN B 236 14.27 -27.16 7.75
N LYS B 237 15.38 -26.70 8.34
CA LYS B 237 16.55 -27.55 8.65
C LYS B 237 16.14 -28.55 9.72
N LEU B 238 15.47 -28.03 10.73
CA LEU B 238 15.03 -28.81 11.86
C LEU B 238 13.89 -29.81 11.60
N MET B 239 13.12 -29.62 10.53
CA MET B 239 12.06 -30.57 10.24
C MET B 239 12.70 -31.74 9.49
N ARG B 240 13.94 -31.55 9.03
CA ARG B 240 14.68 -32.63 8.33
C ARG B 240 15.48 -33.40 9.37
N SER B 241 15.53 -32.87 10.59
CA SER B 241 16.30 -33.50 11.64
C SER B 241 15.77 -34.87 12.07
N GLU B 242 16.72 -35.75 12.42
CA GLU B 242 16.44 -37.09 12.91
C GLU B 242 16.15 -36.84 14.36
N PRO B 243 15.05 -37.41 14.88
CA PRO B 243 14.59 -37.26 16.26
C PRO B 243 15.69 -37.31 17.35
N ARG B 244 15.60 -36.41 18.32
CA ARG B 244 16.55 -36.40 19.44
C ARG B 244 15.99 -36.51 20.87
N PRO B 245 16.66 -37.34 21.69
CA PRO B 245 16.36 -37.65 23.08
C PRO B 245 15.04 -37.19 23.66
N GLY B 246 15.12 -36.54 24.81
CA GLY B 246 13.94 -36.06 25.53
C GLY B 246 13.02 -35.20 24.70
N VAL B 247 11.97 -34.70 25.36
CA VAL B 247 10.98 -33.88 24.69
C VAL B 247 11.51 -32.49 24.28
N LEU B 248 12.22 -31.79 25.16
CA LEU B 248 12.78 -30.49 24.85
C LEU B 248 14.13 -30.61 24.22
N LEU B 249 14.37 -29.87 23.15
CA LEU B 249 15.67 -29.83 22.45
C LEU B 249 15.88 -28.37 22.30
N ARG B 250 17.06 -27.87 22.64
CA ARG B 250 17.29 -26.47 22.47
C ARG B 250 18.20 -26.36 21.28
N ALA B 251 17.63 -25.99 20.13
CA ALA B 251 18.38 -25.86 18.89
C ALA B 251 19.12 -24.53 18.75
N PRO B 252 20.33 -24.55 18.16
CA PRO B 252 21.09 -23.32 18.00
C PRO B 252 20.54 -22.48 16.87
N PHE B 253 20.61 -21.16 17.09
CA PHE B 253 20.16 -20.16 16.14
C PHE B 253 21.22 -19.09 16.28
N PRO B 254 21.67 -18.47 15.19
CA PRO B 254 21.42 -18.65 13.73
C PRO B 254 21.66 -20.04 13.19
N THR C 1 23.36 5.67 4.55
CA THR C 1 22.02 6.14 4.11
C THR C 1 21.38 7.11 5.10
N VAL C 2 20.50 7.94 4.57
CA VAL C 2 19.80 8.92 5.38
C VAL C 2 18.36 8.75 5.03
N ALA C 3 17.49 9.16 5.94
CA ALA C 3 16.07 9.12 5.67
C ALA C 3 15.84 10.25 4.65
N ALA C 4 14.95 10.01 3.68
CA ALA C 4 14.63 10.99 2.65
C ALA C 4 13.61 11.99 3.13
N TYR C 5 14.04 13.22 3.39
CA TYR C 5 13.12 14.27 3.86
C TYR C 5 12.35 15.04 2.78
N ASN C 6 11.67 16.08 3.24
CA ASN C 6 10.93 17.03 2.43
C ASN C 6 10.05 16.49 1.32
N LEU C 7 9.10 15.64 1.66
CA LEU C 7 8.24 15.11 0.62
C LEU C 7 7.07 16.05 0.32
N THR C 8 6.92 16.46 -0.95
CA THR C 8 5.84 17.38 -1.42
C THR C 8 5.09 16.82 -2.62
N TRP C 9 3.76 16.88 -2.63
CA TRP C 9 2.99 16.34 -3.76
C TRP C 9 2.79 17.35 -4.89
N LYS C 10 3.29 17.06 -6.09
CA LYS C 10 3.09 18.00 -7.21
C LYS C 10 1.98 17.48 -8.11
N SER C 11 0.74 17.90 -7.85
CA SER C 11 -0.42 17.47 -8.64
C SER C 11 -1.09 18.59 -9.38
N THR C 12 -1.34 18.38 -10.66
CA THR C 12 -2.03 19.34 -11.50
C THR C 12 -2.78 18.48 -12.52
N ASN C 13 -4.10 18.61 -12.52
CA ASN C 13 -4.92 17.85 -13.44
C ASN C 13 -4.74 16.34 -13.32
N PHE C 14 -4.60 15.89 -12.07
CA PHE C 14 -4.42 14.50 -11.72
C PHE C 14 -3.11 13.83 -12.08
N LYS C 15 -2.14 14.60 -12.57
CA LYS C 15 -0.82 14.04 -12.85
C LYS C 15 -0.20 14.36 -11.53
N THR C 16 0.16 13.31 -10.80
CA THR C 16 0.75 13.43 -9.47
C THR C 16 2.14 12.87 -9.50
N ILE C 17 3.09 13.65 -8.97
CA ILE C 17 4.49 13.30 -8.88
C ILE C 17 4.91 13.70 -7.49
N LEU C 18 5.29 12.69 -6.70
CA LEU C 18 5.77 12.90 -5.35
C LEU C 18 7.23 13.12 -5.53
N GLU C 19 7.78 14.07 -4.80
CA GLU C 19 9.19 14.33 -4.91
C GLU C 19 9.71 14.67 -3.54
N TRP C 20 10.96 14.28 -3.32
CA TRP C 20 11.58 14.43 -2.02
C TRP C 20 13.04 14.82 -2.19
N GLU C 21 13.72 14.95 -1.05
CA GLU C 21 15.14 15.25 -1.03
C GLU C 21 15.82 14.11 -0.27
N PRO C 22 17.15 14.01 -0.34
CA PRO C 22 18.18 14.74 -1.07
C PRO C 22 18.64 13.99 -2.34
N LYS C 23 19.72 14.46 -2.99
CA LYS C 23 20.28 13.75 -4.16
C LYS C 23 21.08 12.58 -3.56
N PRO C 24 20.72 11.35 -3.90
CA PRO C 24 21.37 10.14 -3.40
C PRO C 24 22.88 9.93 -3.49
N VAL C 25 23.48 9.61 -2.34
CA VAL C 25 24.91 9.26 -2.25
C VAL C 25 24.97 7.81 -1.70
N ASN C 26 25.27 6.87 -2.60
CA ASN C 26 25.31 5.45 -2.28
C ASN C 26 23.90 4.95 -1.87
N GLN C 27 22.88 5.61 -2.41
CA GLN C 27 21.49 5.28 -2.15
C GLN C 27 20.69 5.08 -3.41
N VAL C 28 19.59 4.39 -3.23
CA VAL C 28 18.65 4.21 -4.32
C VAL C 28 17.37 4.16 -3.53
N TYR C 29 16.25 4.48 -4.16
CA TYR C 29 15.01 4.49 -3.41
C TYR C 29 13.98 3.62 -4.06
N THR C 30 12.89 3.41 -3.35
CA THR C 30 11.79 2.66 -3.92
C THR C 30 10.62 3.31 -3.27
N VAL C 31 9.61 3.63 -4.05
CA VAL C 31 8.46 4.28 -3.48
C VAL C 31 7.32 3.32 -3.27
N GLN C 32 6.58 3.51 -2.19
CA GLN C 32 5.38 2.72 -1.89
C GLN C 32 4.24 3.73 -1.70
N ILE C 33 3.04 3.33 -2.05
CA ILE C 33 1.89 4.19 -1.89
C ILE C 33 0.72 3.27 -1.64
N SER C 34 -0.25 3.74 -0.87
CA SER C 34 -1.41 2.92 -0.56
C SER C 34 -2.57 3.77 -0.11
N THR C 35 -3.75 3.14 -0.03
CA THR C 35 -4.98 3.77 0.44
C THR C 35 -5.21 3.34 1.87
N LYS C 36 -4.87 4.21 2.83
CA LYS C 36 -5.02 4.01 4.26
C LYS C 36 -6.03 2.98 4.80
N SER C 37 -5.73 1.71 4.50
CA SER C 37 -6.49 0.52 4.90
C SER C 37 -6.44 -0.44 3.71
N GLY C 38 -5.34 -0.39 2.96
CA GLY C 38 -5.16 -1.24 1.80
C GLY C 38 -3.70 -1.56 1.64
N ASP C 39 -3.41 -2.54 0.80
CA ASP C 39 -2.03 -3.01 0.60
C ASP C 39 -1.06 -1.99 0.02
N TRP C 40 0.23 -2.07 0.35
CA TRP C 40 1.20 -1.11 -0.20
C TRP C 40 1.73 -1.54 -1.56
N LYS C 41 1.50 -0.68 -2.54
CA LYS C 41 1.96 -0.89 -3.92
C LYS C 41 3.38 -0.35 -4.07
N SER C 42 4.24 -1.10 -4.77
CA SER C 42 5.62 -0.69 -5.00
C SER C 42 5.84 0.01 -6.36
N LYS C 43 6.42 1.21 -6.34
CA LYS C 43 6.68 2.01 -7.55
C LYS C 43 8.09 2.65 -7.54
N CYS C 44 8.61 2.87 -8.74
CA CYS C 44 9.93 3.53 -8.93
C CYS C 44 11.08 2.82 -8.25
N PHE C 45 11.37 1.64 -8.76
CA PHE C 45 12.37 0.75 -8.20
C PHE C 45 13.87 1.13 -8.27
N TYR C 46 14.45 1.35 -7.09
CA TYR C 46 15.87 1.65 -6.90
C TYR C 46 16.26 2.76 -7.86
N THR C 47 15.57 3.87 -7.68
CA THR C 47 15.72 5.02 -8.51
C THR C 47 16.72 6.04 -7.94
N THR C 48 17.57 6.56 -8.83
CA THR C 48 18.57 7.55 -8.48
C THR C 48 17.94 8.95 -8.53
N ASP C 49 16.71 8.97 -9.04
CA ASP C 49 15.86 10.16 -9.17
C ASP C 49 15.28 10.45 -7.79
N THR C 50 15.13 11.73 -7.46
CA THR C 50 14.56 12.09 -6.19
C THR C 50 13.10 12.48 -6.39
N GLU C 51 12.40 11.71 -7.24
CA GLU C 51 10.97 11.94 -7.52
C GLU C 51 10.33 10.69 -8.13
N CYS C 52 9.05 10.49 -7.84
CA CYS C 52 8.32 9.36 -8.38
C CYS C 52 6.92 9.77 -8.86
N ASP C 53 6.49 9.14 -9.95
CA ASP C 53 5.23 9.42 -10.56
C ASP C 53 4.11 8.50 -10.09
N LEU C 54 3.31 8.92 -9.12
CA LEU C 54 2.23 8.05 -8.67
C LEU C 54 0.94 8.19 -9.45
N THR C 55 1.00 8.93 -10.53
CA THR C 55 -0.16 9.16 -11.36
C THR C 55 -1.01 7.95 -11.64
N ASP C 56 -0.41 6.84 -12.05
CA ASP C 56 -1.27 5.70 -12.38
C ASP C 56 -2.05 5.08 -11.27
N GLU C 57 -1.63 5.33 -10.03
CA GLU C 57 -2.32 4.78 -8.88
C GLU C 57 -3.48 5.62 -8.36
N ILE C 58 -3.28 6.93 -8.28
CA ILE C 58 -4.35 7.80 -7.81
C ILE C 58 -5.54 7.85 -8.80
N VAL C 59 -5.25 7.83 -10.10
CA VAL C 59 -6.36 7.91 -11.04
C VAL C 59 -7.18 6.66 -11.09
N LYS C 60 -7.07 5.81 -10.07
CA LYS C 60 -7.86 4.58 -10.00
C LYS C 60 -9.19 4.81 -9.29
N ASP C 61 -9.19 5.79 -8.39
CA ASP C 61 -10.33 6.25 -7.59
C ASP C 61 -9.73 7.56 -7.11
N VAL C 62 -10.21 8.68 -7.64
CA VAL C 62 -9.61 9.97 -7.31
C VAL C 62 -10.10 10.63 -6.05
N LYS C 63 -11.00 9.97 -5.34
CA LYS C 63 -11.54 10.53 -4.09
C LYS C 63 -10.90 9.92 -2.81
N GLN C 64 -10.15 8.82 -2.99
CA GLN C 64 -9.41 8.06 -1.97
C GLN C 64 -8.22 8.82 -1.44
N THR C 65 -7.96 8.78 -0.13
CA THR C 65 -6.78 9.45 0.39
C THR C 65 -5.64 8.48 0.26
N TYR C 66 -4.47 8.96 -0.18
CA TYR C 66 -3.31 8.10 -0.36
C TYR C 66 -2.15 8.49 0.55
N LEU C 67 -1.35 7.53 1.00
CA LEU C 67 -0.18 7.86 1.84
C LEU C 67 0.99 7.19 1.14
N ALA C 68 2.17 7.76 1.31
CA ALA C 68 3.31 7.21 0.61
C ALA C 68 4.54 7.27 1.44
N ARG C 69 5.53 6.51 0.98
CA ARG C 69 6.78 6.47 1.67
C ARG C 69 7.91 6.14 0.75
N VAL C 70 9.05 6.67 1.13
CA VAL C 70 10.27 6.55 0.38
C VAL C 70 11.34 5.75 1.10
N PHE C 71 11.57 4.56 0.59
CA PHE C 71 12.56 3.68 1.19
C PHE C 71 13.97 4.01 0.76
N SER C 72 14.89 4.05 1.73
CA SER C 72 16.31 4.27 1.45
C SER C 72 17.07 2.94 1.58
N TYR C 73 17.90 2.65 0.59
CA TYR C 73 18.70 1.42 0.56
C TYR C 73 20.16 1.78 0.31
N PRO C 74 21.08 0.80 0.50
CA PRO C 74 22.49 1.13 0.26
C PRO C 74 22.97 0.40 -0.98
N ALA C 75 23.96 0.98 -1.63
CA ALA C 75 24.47 0.41 -2.87
C ALA C 75 24.92 -1.05 -2.75
N GLY C 76 24.36 -1.89 -3.61
CA GLY C 76 24.70 -3.29 -3.62
C GLY C 76 23.40 -4.03 -3.67
N ASN C 77 22.44 -3.49 -2.94
CA ASN C 77 21.09 -4.05 -2.82
C ASN C 77 20.00 -2.95 -2.86
N GLY C 85 16.35 -7.10 8.86
CA GLY C 85 15.75 -5.83 9.45
C GLY C 85 15.15 -4.91 8.39
N GLU C 86 14.30 -3.98 8.83
CA GLU C 86 13.62 -3.05 7.91
C GLU C 86 14.39 -1.82 7.48
N PRO C 87 14.12 -1.34 6.23
CA PRO C 87 14.80 -0.16 5.70
C PRO C 87 14.42 1.17 6.35
N LEU C 88 15.31 2.13 6.15
CA LEU C 88 15.19 3.47 6.66
C LEU C 88 14.22 4.20 5.69
N TYR C 89 13.13 4.76 6.22
CA TYR C 89 12.18 5.43 5.33
C TYR C 89 11.55 6.63 5.93
N GLU C 90 10.79 7.34 5.10
CA GLU C 90 10.07 8.53 5.54
C GLU C 90 8.72 8.52 4.87
N ASN C 91 7.69 8.85 5.65
CA ASN C 91 6.29 8.89 5.18
C ASN C 91 5.92 10.25 4.63
N SER C 92 4.87 10.30 3.83
CA SER C 92 4.43 11.59 3.24
C SER C 92 3.11 12.05 3.81
N PRO C 93 2.61 13.16 3.30
CA PRO C 93 1.33 13.54 3.88
C PRO C 93 0.17 12.81 3.20
N GLU C 94 -0.98 12.77 3.89
CA GLU C 94 -2.14 12.09 3.35
C GLU C 94 -2.64 13.00 2.24
N PHE C 95 -2.73 12.45 1.05
CA PHE C 95 -3.13 13.18 -0.13
C PHE C 95 -4.36 12.68 -0.89
N THR C 96 -5.48 13.38 -0.74
CA THR C 96 -6.73 13.05 -1.43
C THR C 96 -6.62 13.92 -2.65
N PRO C 97 -6.54 13.31 -3.84
CA PRO C 97 -6.42 14.17 -5.02
C PRO C 97 -7.57 15.10 -5.39
N TYR C 98 -8.80 14.58 -5.41
CA TYR C 98 -9.99 15.37 -5.78
C TYR C 98 -10.12 16.63 -4.95
N LEU C 99 -9.33 16.77 -3.89
CA LEU C 99 -9.39 18.00 -3.12
C LEU C 99 -8.07 18.70 -3.05
N GLU C 100 -7.04 18.13 -3.64
CA GLU C 100 -5.75 18.79 -3.56
C GLU C 100 -5.10 19.12 -4.91
N THR C 101 -5.36 18.27 -5.91
CA THR C 101 -4.79 18.44 -7.23
C THR C 101 -5.16 19.78 -7.82
N ASN C 102 -4.19 20.47 -8.42
CA ASN C 102 -4.41 21.80 -9.00
C ASN C 102 -5.21 21.70 -10.27
N LEU C 103 -5.86 22.81 -10.63
CA LEU C 103 -6.64 22.86 -11.86
C LEU C 103 -5.64 23.54 -12.75
N GLY C 104 -5.50 23.08 -13.99
CA GLY C 104 -4.55 23.70 -14.91
C GLY C 104 -5.03 24.93 -15.70
N GLN C 105 -4.10 25.70 -16.27
CA GLN C 105 -4.39 26.92 -17.07
C GLN C 105 -5.42 26.66 -18.16
N PRO C 106 -6.59 27.36 -18.11
CA PRO C 106 -7.57 27.11 -19.18
C PRO C 106 -7.11 27.88 -20.42
N THR C 107 -7.75 27.59 -21.54
CA THR C 107 -7.39 28.27 -22.74
C THR C 107 -8.64 28.59 -23.50
N ILE C 108 -8.88 29.88 -23.78
CA ILE C 108 -10.07 30.24 -24.54
C ILE C 108 -9.92 29.60 -25.92
N GLN C 109 -10.91 28.87 -26.40
CA GLN C 109 -10.68 28.26 -27.70
C GLN C 109 -11.33 28.98 -28.83
N SER C 110 -12.26 29.85 -28.49
CA SER C 110 -13.01 30.61 -29.47
C SER C 110 -13.99 31.54 -28.79
N PHE C 111 -14.42 32.57 -29.51
CA PHE C 111 -15.41 33.50 -29.02
C PHE C 111 -16.17 33.97 -30.22
N GLU C 112 -17.46 33.67 -30.30
CA GLU C 112 -18.26 34.09 -31.44
C GLU C 112 -19.14 35.27 -31.03
N GLN C 113 -19.16 36.34 -31.84
CA GLN C 113 -20.03 37.51 -31.58
C GLN C 113 -21.31 37.23 -32.33
N VAL C 114 -22.36 36.83 -31.62
CA VAL C 114 -23.64 36.49 -32.24
C VAL C 114 -24.59 37.67 -32.13
N GLY C 115 -24.13 38.83 -32.60
CA GLY C 115 -24.94 40.04 -32.55
C GLY C 115 -24.69 40.97 -31.37
N THR C 116 -25.64 41.02 -30.45
CA THR C 116 -25.51 41.87 -29.28
C THR C 116 -24.79 41.15 -28.12
N LYS C 117 -24.61 39.85 -28.24
CA LYS C 117 -23.90 39.09 -27.20
C LYS C 117 -22.86 38.11 -27.70
N VAL C 118 -21.71 38.13 -27.06
CA VAL C 118 -20.63 37.25 -27.41
C VAL C 118 -20.58 35.97 -26.59
N ASN C 119 -20.21 34.89 -27.25
CA ASN C 119 -20.05 33.60 -26.61
C ASN C 119 -18.57 33.32 -26.55
N VAL C 120 -18.07 33.01 -25.36
CA VAL C 120 -16.66 32.73 -25.17
C VAL C 120 -16.53 31.28 -24.79
N THR C 121 -16.18 30.43 -25.76
CA THR C 121 -16.04 29.00 -25.51
C THR C 121 -14.68 28.65 -24.96
N VAL C 122 -14.69 27.94 -23.83
CA VAL C 122 -13.46 27.49 -23.19
C VAL C 122 -13.10 26.09 -23.66
N GLU C 123 -11.80 25.87 -23.94
CA GLU C 123 -11.36 24.56 -24.38
C GLU C 123 -11.50 23.61 -23.21
N ASP C 124 -11.86 22.37 -23.52
CA ASP C 124 -12.00 21.30 -22.55
C ASP C 124 -10.66 20.87 -21.93
N GLU C 125 -10.51 21.04 -20.59
CA GLU C 125 -9.28 20.66 -19.84
C GLU C 125 -9.14 19.17 -19.62
N ARG C 126 -8.25 18.50 -20.34
CA ARG C 126 -8.14 17.07 -20.15
C ARG C 126 -7.27 16.66 -18.97
N THR C 127 -7.79 15.73 -18.20
CA THR C 127 -7.12 15.19 -17.02
C THR C 127 -6.31 13.96 -17.43
N LEU C 128 -5.78 13.23 -16.45
CA LEU C 128 -5.01 12.00 -16.68
C LEU C 128 -5.84 10.73 -16.49
N VAL C 129 -7.09 10.90 -16.04
CA VAL C 129 -7.99 9.77 -15.81
C VAL C 129 -8.33 9.12 -17.16
N ARG C 130 -7.42 8.30 -17.68
CA ARG C 130 -7.52 7.64 -18.98
C ARG C 130 -8.69 6.69 -19.23
N ARG C 131 -9.85 7.04 -18.71
CA ARG C 131 -11.07 6.25 -18.84
C ARG C 131 -11.55 5.85 -20.25
N ASN C 132 -11.64 4.55 -20.50
CA ASN C 132 -12.14 3.97 -21.77
C ASN C 132 -11.34 4.11 -23.06
N ASN C 133 -10.21 4.79 -22.96
CA ASN C 133 -9.25 5.05 -24.03
C ASN C 133 -8.84 6.46 -23.75
N THR C 134 -9.63 7.39 -24.28
CA THR C 134 -9.40 8.81 -24.13
C THR C 134 -9.40 9.30 -22.69
N PHE C 135 -8.68 10.38 -22.44
CA PHE C 135 -8.62 10.94 -21.10
C PHE C 135 -9.85 11.79 -20.88
N LEU C 136 -10.36 11.80 -19.66
CA LEU C 136 -11.54 12.59 -19.36
C LEU C 136 -11.15 14.04 -19.24
N SER C 137 -12.15 14.91 -19.11
CA SER C 137 -11.93 16.35 -18.91
C SER C 137 -12.23 16.65 -17.44
N LEU C 138 -11.87 17.84 -16.97
CA LEU C 138 -12.13 18.21 -15.57
C LEU C 138 -13.60 18.39 -15.24
N ARG C 139 -14.46 18.39 -16.25
CA ARG C 139 -15.89 18.51 -16.02
C ARG C 139 -16.50 17.11 -15.91
N ASP C 140 -15.85 16.15 -16.56
CA ASP C 140 -16.28 14.76 -16.51
C ASP C 140 -15.97 14.22 -15.11
N VAL C 141 -14.91 14.78 -14.50
CA VAL C 141 -14.50 14.40 -13.17
C VAL C 141 -15.21 15.20 -12.10
N PHE C 142 -15.00 16.51 -12.07
CA PHE C 142 -15.61 17.38 -11.06
C PHE C 142 -17.09 17.63 -11.21
N GLY C 143 -17.54 17.69 -12.46
CA GLY C 143 -18.94 17.92 -12.80
C GLY C 143 -19.51 19.17 -12.19
N LYS C 144 -20.58 18.95 -11.42
CA LYS C 144 -21.31 19.97 -10.70
C LYS C 144 -20.42 20.81 -9.74
N ASP C 145 -19.18 20.38 -9.51
CA ASP C 145 -18.26 21.12 -8.61
C ASP C 145 -17.32 22.10 -9.28
N LEU C 146 -17.34 22.05 -10.62
CA LEU C 146 -16.51 22.87 -11.45
C LEU C 146 -17.29 24.00 -12.07
N ILE C 147 -16.68 25.18 -12.08
CA ILE C 147 -17.28 26.32 -12.75
C ILE C 147 -16.12 27.09 -13.36
N TYR C 148 -16.30 27.47 -14.60
CA TYR C 148 -15.27 28.26 -15.28
C TYR C 148 -15.69 29.74 -15.09
N THR C 149 -14.75 30.62 -14.71
CA THR C 149 -15.03 32.06 -14.54
C THR C 149 -14.39 32.87 -15.68
N LEU C 150 -14.93 34.04 -15.97
CA LEU C 150 -14.39 34.86 -17.06
C LEU C 150 -14.29 36.33 -16.68
N TYR C 151 -13.09 36.90 -16.83
CA TYR C 151 -12.83 38.31 -16.53
C TYR C 151 -12.72 38.96 -17.88
N TYR C 152 -13.46 40.04 -18.08
CA TYR C 152 -13.41 40.77 -19.36
C TYR C 152 -13.41 42.27 -19.21
N TRP C 153 -12.87 42.92 -20.23
CA TRP C 153 -12.86 44.36 -20.29
C TRP C 153 -13.01 44.63 -21.76
N LYS C 161 -17.44 43.11 -16.36
CA LYS C 161 -16.08 42.81 -15.86
C LYS C 161 -15.88 41.34 -15.49
N THR C 162 -16.88 40.70 -14.89
CA THR C 162 -16.75 39.29 -14.50
C THR C 162 -17.96 38.41 -14.82
N ALA C 163 -17.72 37.14 -15.13
CA ALA C 163 -18.83 36.24 -15.44
C ALA C 163 -18.58 34.80 -14.96
N LYS C 164 -19.68 34.06 -14.74
CA LYS C 164 -19.62 32.68 -14.26
C LYS C 164 -20.48 31.61 -14.99
N THR C 165 -19.85 30.46 -15.29
CA THR C 165 -20.57 29.37 -15.95
C THR C 165 -20.37 27.93 -15.39
N ASN C 166 -21.41 27.11 -15.53
CA ASN C 166 -21.45 25.70 -15.10
C ASN C 166 -21.28 24.83 -16.35
N THR C 167 -20.48 25.32 -17.30
CA THR C 167 -20.22 24.65 -18.57
C THR C 167 -18.94 25.27 -19.10
N ASN C 168 -18.64 25.09 -20.38
CA ASN C 168 -17.42 25.69 -20.91
C ASN C 168 -17.60 27.04 -21.64
N GLU C 169 -18.83 27.52 -21.83
CA GLU C 169 -19.05 28.80 -22.52
C GLU C 169 -19.84 29.83 -21.74
N PHE C 170 -19.51 31.11 -21.93
CA PHE C 170 -20.22 32.21 -21.28
C PHE C 170 -20.97 32.96 -22.37
N LEU C 171 -22.17 33.47 -22.10
CA LEU C 171 -22.89 34.24 -23.12
C LEU C 171 -22.98 35.65 -22.56
N ILE C 172 -21.98 36.48 -22.84
CA ILE C 172 -22.03 37.83 -22.29
C ILE C 172 -22.67 38.91 -23.16
N ASP C 173 -23.39 39.82 -22.52
CA ASP C 173 -24.00 40.95 -23.25
C ASP C 173 -22.98 42.08 -23.38
N VAL C 174 -22.47 42.26 -24.59
CA VAL C 174 -21.47 43.29 -24.94
C VAL C 174 -22.06 44.50 -25.72
N ASP C 175 -21.23 45.53 -25.88
CA ASP C 175 -21.60 46.74 -26.61
C ASP C 175 -21.21 46.77 -28.08
N LYS C 176 -22.15 47.23 -28.89
CA LYS C 176 -21.99 47.35 -30.35
C LYS C 176 -20.72 48.11 -30.79
N GLY C 177 -19.91 47.47 -31.62
CA GLY C 177 -18.70 48.08 -32.15
C GLY C 177 -17.58 48.47 -31.19
N GLU C 178 -17.68 48.03 -29.93
CA GLU C 178 -16.67 48.31 -28.91
C GLU C 178 -15.46 47.37 -28.89
N ASN C 179 -15.66 46.09 -29.23
CA ASN C 179 -14.57 45.09 -29.25
C ASN C 179 -13.71 44.91 -27.96
N TYR C 180 -14.10 43.94 -27.13
CA TYR C 180 -13.49 43.61 -25.82
C TYR C 180 -12.23 42.73 -25.76
N CYS C 181 -11.91 42.28 -24.53
CA CYS C 181 -10.79 41.38 -24.21
C CYS C 181 -11.22 40.33 -23.19
N PHE C 182 -10.60 39.15 -23.22
CA PHE C 182 -11.02 38.07 -22.31
C PHE C 182 -9.90 37.33 -21.56
N SER C 183 -10.28 36.65 -20.47
CA SER C 183 -9.36 35.87 -19.63
C SER C 183 -10.12 34.96 -18.64
N VAL C 184 -10.05 33.64 -18.86
CA VAL C 184 -10.75 32.67 -17.99
C VAL C 184 -9.94 31.99 -16.85
N GLN C 185 -10.65 31.34 -15.93
CA GLN C 185 -10.03 30.66 -14.78
C GLN C 185 -10.88 29.48 -14.33
N ALA C 186 -10.19 28.38 -14.03
CA ALA C 186 -10.82 27.15 -13.55
C ALA C 186 -10.98 27.31 -12.08
N VAL C 187 -12.20 27.08 -11.60
CA VAL C 187 -12.50 27.21 -10.19
C VAL C 187 -13.41 26.12 -9.64
N ILE C 188 -13.07 25.65 -8.44
CA ILE C 188 -13.86 24.64 -7.70
C ILE C 188 -14.24 25.49 -6.48
N PRO C 189 -15.47 25.99 -6.47
CA PRO C 189 -15.89 26.83 -5.36
C PRO C 189 -15.94 26.25 -3.96
N SER C 190 -16.10 24.93 -3.82
CA SER C 190 -16.18 24.33 -2.48
C SER C 190 -14.88 24.33 -1.68
N ARG C 191 -13.74 24.29 -2.36
CA ARG C 191 -12.47 24.28 -1.68
C ARG C 191 -12.33 25.47 -0.73
N THR C 192 -11.36 25.41 0.16
CA THR C 192 -11.08 26.47 1.12
C THR C 192 -9.73 26.99 0.75
N VAL C 193 -8.97 26.13 0.09
CA VAL C 193 -7.63 26.43 -0.33
C VAL C 193 -7.42 25.62 -1.61
N ASN C 194 -6.67 26.21 -2.55
CA ASN C 194 -6.37 25.67 -3.90
C ASN C 194 -7.62 25.70 -4.80
N ARG C 195 -8.47 26.71 -4.58
CA ARG C 195 -9.75 26.87 -5.30
C ARG C 195 -9.71 27.15 -6.77
N LYS C 196 -8.79 28.03 -7.20
CA LYS C 196 -8.71 28.41 -8.62
C LYS C 196 -7.37 28.26 -9.30
N SER C 197 -7.42 28.08 -10.62
CA SER C 197 -6.23 27.91 -11.43
C SER C 197 -5.51 29.23 -11.73
N THR C 198 -4.51 29.16 -12.61
CA THR C 198 -3.86 30.39 -13.03
C THR C 198 -4.67 30.81 -14.26
N ASP C 199 -4.69 32.13 -14.47
CA ASP C 199 -5.42 32.72 -15.57
C ASP C 199 -4.89 32.34 -16.93
N SER C 200 -5.79 32.45 -17.91
CA SER C 200 -5.51 32.13 -19.30
C SER C 200 -4.80 33.22 -20.10
N PRO C 201 -4.35 32.87 -21.31
CA PRO C 201 -3.67 33.89 -22.13
C PRO C 201 -4.75 34.79 -22.71
N VAL C 202 -4.73 36.07 -22.35
CA VAL C 202 -5.75 36.98 -22.87
C VAL C 202 -5.88 37.05 -24.39
N GLU C 203 -7.13 37.01 -24.84
CA GLU C 203 -7.56 37.09 -26.23
C GLU C 203 -8.55 38.26 -26.35
N CYS C 204 -8.39 39.09 -27.38
CA CYS C 204 -9.30 40.23 -27.60
C CYS C 204 -10.02 40.09 -28.95
N MET C 205 -11.10 40.86 -29.14
CA MET C 205 -11.89 40.76 -30.40
C MET C 205 -11.34 41.24 -31.74
#